data_4DXF
#
_entry.id   4DXF
#
_cell.length_a   96.102
_cell.length_b   81.195
_cell.length_c   57.301
_cell.angle_alpha   90.00
_cell.angle_beta   105.45
_cell.angle_gamma   90.00
#
_symmetry.space_group_name_H-M   'C 1 2 1'
#
loop_
_entity.id
_entity.type
_entity.pdbx_description
1 polymer 'Staphylococcal enterotoxin-like toxin'
2 non-polymer 'CHLORIDE ION'
3 non-polymer GLYCEROL
4 water water
#
_entity_poly.entity_id   1
_entity_poly.type   'polypeptide(L)'
_entity_poly.pdbx_seq_one_letter_code
;GPGSTKQVPTEINPKFKDLRAYYTKPSLEFKNEIGIILKKWTTIRFMNVVPDYFIYKIALVGKDDKKYGEGVHRNVDVFV
VLEENNYNLEKYSVGGITKSNSKKVDHKAGVRITKEDNKGTISHDVSEFKITKEQISLKELDFKLRKQLIEKNNLYGNVG
SGKIVIKMKNGGKYTFELHKKLQENRMADVIDGTNIDNIEVNIK
;
_entity_poly.pdbx_strand_id   A,B
#
loop_
_chem_comp.id
_chem_comp.type
_chem_comp.name
_chem_comp.formula
CL non-polymer 'CHLORIDE ION' 'Cl -1'
GOL non-polymer GLYCEROL 'C3 H8 O3'
#
# COMPACT_ATOMS: atom_id res chain seq x y z
N GLU A 11 -24.60 -11.26 -2.58
CA GLU A 11 -23.24 -11.84 -2.32
C GLU A 11 -22.67 -11.34 -0.97
N ILE A 12 -23.23 -10.23 -0.44
CA ILE A 12 -22.71 -9.60 0.77
C ILE A 12 -23.70 -9.58 1.95
N ASN A 13 -23.56 -10.55 2.85
CA ASN A 13 -24.34 -10.63 4.08
C ASN A 13 -24.02 -9.42 4.99
N PRO A 14 -25.03 -8.54 5.26
CA PRO A 14 -24.90 -7.44 6.25
C PRO A 14 -24.58 -7.86 7.70
N LYS A 15 -24.63 -9.16 8.01
CA LYS A 15 -24.19 -9.65 9.32
C LYS A 15 -22.70 -9.30 9.58
N PHE A 16 -21.92 -9.30 8.50
CA PHE A 16 -20.43 -9.13 8.53
C PHE A 16 -19.99 -7.70 8.21
N LYS A 17 -20.91 -6.74 8.23
CA LYS A 17 -20.70 -5.37 7.76
C LYS A 17 -19.55 -4.69 8.49
N ASP A 18 -19.56 -4.82 9.80
CA ASP A 18 -18.57 -4.15 10.63
C ASP A 18 -17.16 -4.71 10.39
N LEU A 19 -17.06 -6.04 10.37
CA LEU A 19 -15.76 -6.69 10.11
C LEU A 19 -15.27 -6.44 8.72
N ARG A 20 -16.14 -6.46 7.71
CA ARG A 20 -15.69 -6.21 6.36
C ARG A 20 -15.23 -4.74 6.25
N ALA A 21 -15.90 -3.83 6.96
CA ALA A 21 -15.55 -2.42 6.91
C ALA A 21 -14.14 -2.26 7.48
N TYR A 22 -13.91 -2.88 8.61
CA TYR A 22 -12.68 -2.59 9.40
C TYR A 22 -11.53 -3.09 8.56
N TYR A 23 -11.66 -4.32 8.05
CA TYR A 23 -10.54 -4.98 7.35
C TYR A 23 -10.33 -4.59 5.87
N THR A 24 -11.10 -3.60 5.42
CA THR A 24 -10.87 -3.00 4.12
C THR A 24 -10.36 -1.55 4.25
N LYS A 25 -10.19 -1.10 5.48
CA LYS A 25 -9.57 0.19 5.80
C LYS A 25 -8.18 0.28 5.19
N PRO A 26 -7.77 1.49 4.78
CA PRO A 26 -6.39 1.59 4.25
C PRO A 26 -5.38 1.52 5.41
N SER A 27 -4.18 1.00 5.13
CA SER A 27 -3.08 0.94 6.15
C SER A 27 -1.92 1.82 5.66
N LEU A 28 -1.05 2.19 6.62
CA LEU A 28 0.14 3.01 6.27
C LEU A 28 1.30 2.29 6.92
N GLU A 29 2.51 2.48 6.37
CA GLU A 29 3.61 1.77 6.97
C GLU A 29 4.75 2.77 7.12
N PHE A 30 5.25 2.96 8.33
CA PHE A 30 6.38 3.93 8.60
C PHE A 30 7.54 3.18 9.13
N LYS A 31 8.66 3.19 8.41
CA LYS A 31 9.70 2.28 8.80
C LYS A 31 10.96 3.15 9.03
N ASN A 32 11.81 2.64 9.88
CA ASN A 32 13.12 3.31 10.28
C ASN A 32 12.82 4.72 10.81
N GLU A 33 11.85 4.82 11.74
CA GLU A 33 11.42 6.08 12.28
C GLU A 33 11.88 6.20 13.77
N ILE A 34 11.62 7.33 14.40
CA ILE A 34 11.78 7.39 15.87
C ILE A 34 10.37 7.60 16.50
N GLY A 35 10.22 7.13 17.72
CA GLY A 35 8.97 7.35 18.49
C GLY A 35 9.29 8.17 19.73
N ILE A 36 8.34 9.06 20.09
CA ILE A 36 8.53 9.94 21.25
C ILE A 36 7.36 9.69 22.20
N ILE A 37 7.67 9.38 23.45
CA ILE A 37 6.62 9.15 24.47
C ILE A 37 6.74 10.23 25.53
N LEU A 38 5.68 10.99 25.68
CA LEU A 38 5.62 12.10 26.62
C LEU A 38 4.97 11.67 27.92
N LYS A 39 4.61 12.64 28.75
CA LYS A 39 4.01 12.37 30.06
C LYS A 39 2.60 11.74 29.86
N LYS A 40 2.25 10.70 30.64
CA LYS A 40 0.86 10.14 30.57
C LYS A 40 -0.24 11.22 30.78
N TRP A 41 -1.25 11.24 29.93
CA TRP A 41 -2.30 12.24 30.08
C TRP A 41 -3.73 11.64 30.02
N THR A 42 -3.83 10.32 29.87
CA THR A 42 -5.13 9.65 29.94
C THR A 42 -5.03 8.25 30.42
N THR A 43 -6.03 7.46 30.09
CA THR A 43 -6.10 6.12 30.60
C THR A 43 -5.10 5.24 29.88
N ILE A 44 -4.44 5.80 28.85
CA ILE A 44 -3.29 5.08 28.25
C ILE A 44 -2.28 6.03 27.68
N ARG A 45 -1.15 5.45 27.35
CA ARG A 45 -0.02 6.17 26.82
C ARG A 45 0.11 5.92 25.32
N PHE A 46 0.83 6.83 24.68
CA PHE A 46 0.97 6.89 23.21
C PHE A 46 2.43 7.02 22.86
N MET A 47 2.79 6.40 21.77
CA MET A 47 4.07 6.67 21.09
C MET A 47 3.76 7.60 19.92
N ASN A 48 4.41 8.77 19.88
CA ASN A 48 4.21 9.74 18.81
C ASN A 48 5.24 9.44 17.70
N VAL A 49 4.78 9.32 16.47
CA VAL A 49 5.65 9.20 15.30
C VAL A 49 5.34 10.30 14.31
N VAL A 50 6.40 10.89 13.70
CA VAL A 50 6.15 12.05 12.93
C VAL A 50 6.86 11.85 11.57
N PRO A 51 6.25 11.11 10.67
CA PRO A 51 6.94 10.80 9.39
C PRO A 51 6.67 11.83 8.29
N ASP A 52 5.68 12.72 8.48
CA ASP A 52 5.23 13.68 7.51
C ASP A 52 4.84 14.96 8.26
N TYR A 53 3.78 15.64 7.82
CA TYR A 53 3.30 16.86 8.56
C TYR A 53 2.34 16.56 9.72
N PHE A 54 2.04 15.30 9.94
CA PHE A 54 1.20 14.85 11.06
C PHE A 54 1.94 14.21 12.23
N ILE A 55 1.37 14.38 13.42
CA ILE A 55 1.86 13.60 14.51
C ILE A 55 0.94 12.38 14.71
N TYR A 56 1.45 11.19 14.45
CA TYR A 56 0.65 9.98 14.67
C TYR A 56 0.74 9.49 16.06
N LYS A 57 -0.44 9.32 16.69
CA LYS A 57 -0.48 8.85 18.06
C LYS A 57 -0.73 7.37 18.10
N ILE A 58 0.24 6.61 18.52
CA ILE A 58 0.16 5.16 18.50
C ILE A 58 -0.13 4.62 19.90
N ALA A 59 -1.38 4.14 20.11
CA ALA A 59 -1.65 3.54 21.42
C ALA A 59 -0.77 2.42 21.92
N LEU A 60 -0.29 2.56 23.15
CA LEU A 60 0.54 1.52 23.76
C LEU A 60 -0.34 0.56 24.58
N VAL A 61 -0.66 -0.56 23.96
CA VAL A 61 -1.59 -1.54 24.54
C VAL A 61 -0.83 -2.79 24.77
N GLY A 62 -1.42 -3.71 25.55
CA GLY A 62 -0.82 -4.96 25.83
C GLY A 62 0.59 -4.84 26.37
N LYS A 63 1.51 -5.60 25.77
CA LYS A 63 2.91 -5.65 26.22
C LYS A 63 3.70 -4.36 25.97
N ASP A 64 3.24 -3.52 25.04
CA ASP A 64 3.92 -2.26 24.71
C ASP A 64 4.01 -1.25 25.83
N ASP A 65 3.07 -1.29 26.78
CA ASP A 65 3.05 -0.25 27.79
C ASP A 65 4.27 -0.35 28.68
N LYS A 66 4.65 -1.56 29.10
CA LYS A 66 5.87 -1.75 29.92
C LYS A 66 7.11 -1.72 29.08
N LYS A 67 6.96 -2.04 27.79
CA LYS A 67 8.09 -2.19 26.90
C LYS A 67 8.74 -0.84 26.61
N TYR A 68 7.93 0.20 26.46
CA TYR A 68 8.44 1.54 26.08
C TYR A 68 8.21 2.63 27.14
N GLY A 69 9.28 3.02 27.83
CA GLY A 69 9.22 4.11 28.81
C GLY A 69 9.20 5.50 28.23
N GLU A 70 8.99 6.50 29.09
CA GLU A 70 8.98 7.88 28.67
C GLU A 70 10.25 8.23 27.90
N GLY A 71 10.15 9.01 26.84
CA GLY A 71 11.33 9.50 26.13
C GLY A 71 11.38 9.03 24.69
N VAL A 72 12.61 8.87 24.20
CA VAL A 72 12.87 8.66 22.78
C VAL A 72 13.20 7.23 22.51
N HIS A 73 12.58 6.69 21.48
CA HIS A 73 12.88 5.32 21.05
C HIS A 73 13.26 5.32 19.59
N ARG A 74 14.41 4.74 19.26
CA ARG A 74 14.88 4.84 17.87
C ARG A 74 14.68 3.50 17.14
N ASN A 75 14.80 3.45 15.80
CA ASN A 75 14.70 2.15 15.11
C ASN A 75 13.36 1.46 15.36
N VAL A 76 12.35 2.28 15.24
CA VAL A 76 10.92 1.89 15.30
C VAL A 76 10.33 1.83 13.87
N ASP A 77 9.52 0.74 13.64
CA ASP A 77 8.72 0.59 12.44
C ASP A 77 7.26 0.52 13.03
N VAL A 78 6.32 1.11 12.34
CA VAL A 78 4.89 1.03 12.77
C VAL A 78 4.04 0.67 11.58
N PHE A 79 3.15 -0.34 11.83
CA PHE A 79 2.13 -0.64 10.86
C PHE A 79 0.88 0.09 11.44
N VAL A 80 0.32 0.98 10.64
CA VAL A 80 -0.74 1.94 11.02
C VAL A 80 -2.02 1.61 10.29
N VAL A 81 -3.11 1.59 11.06
CA VAL A 81 -4.44 1.58 10.47
C VAL A 81 -5.18 2.72 11.21
N LEU A 82 -5.42 3.86 10.56
CA LEU A 82 -5.98 5.05 11.25
C LEU A 82 -7.45 4.66 11.61
N GLU A 83 -7.84 5.00 12.83
CA GLU A 83 -9.17 4.60 13.33
C GLU A 83 -9.79 5.76 14.06
N GLU A 84 -11.14 5.75 14.15
CA GLU A 84 -11.73 6.72 15.05
CA GLU A 84 -11.92 6.61 15.07
C GLU A 84 -11.60 6.26 16.52
N ASN A 85 -11.68 7.21 17.42
CA ASN A 85 -11.28 6.93 18.79
C ASN A 85 -12.02 7.84 19.77
N ASN A 86 -11.92 7.51 21.06
CA ASN A 86 -12.59 8.26 22.14
C ASN A 86 -11.64 9.22 22.85
N TYR A 87 -10.49 9.50 22.21
CA TYR A 87 -9.49 10.33 22.85
C TYR A 87 -9.43 11.67 22.16
N ASN A 88 -10.36 11.90 21.25
CA ASN A 88 -10.36 13.08 20.38
C ASN A 88 -9.01 13.29 19.63
N LEU A 89 -8.44 12.21 19.09
CA LEU A 89 -7.16 12.34 18.37
C LEU A 89 -7.34 12.20 16.87
N GLU A 90 -6.69 13.06 16.09
CA GLU A 90 -6.93 13.10 14.67
C GLU A 90 -6.35 11.86 13.93
N LYS A 91 -5.17 11.46 14.40
CA LYS A 91 -4.35 10.37 13.79
C LYS A 91 -3.97 9.42 14.88
N TYR A 92 -4.68 8.31 14.90
CA TYR A 92 -4.63 7.40 15.95
C TYR A 92 -4.68 6.03 15.31
N SER A 93 -3.88 5.14 15.88
CA SER A 93 -3.71 3.73 15.57
C SER A 93 -3.28 2.90 16.78
N VAL A 94 -3.54 1.60 16.75
CA VAL A 94 -3.33 0.77 17.92
C VAL A 94 -2.28 -0.29 17.74
N GLY A 95 -1.19 -0.28 18.54
CA GLY A 95 -0.20 -1.37 18.45
C GLY A 95 0.62 -1.27 17.15
N GLY A 96 1.14 -2.42 16.68
CA GLY A 96 1.80 -2.48 15.37
C GLY A 96 3.23 -1.97 15.42
N ILE A 97 3.78 -1.85 16.63
CA ILE A 97 5.21 -1.28 16.72
C ILE A 97 6.16 -2.37 16.76
N THR A 98 7.24 -2.28 15.91
CA THR A 98 8.19 -3.34 15.85
C THR A 98 9.64 -2.68 15.74
N LYS A 99 10.65 -3.48 15.94
CA LYS A 99 12.04 -3.10 15.72
C LYS A 99 12.35 -3.10 14.22
N SER A 100 12.99 -2.04 13.76
CA SER A 100 13.39 -1.94 12.35
C SER A 100 14.37 -3.08 11.96
N ASN A 101 14.38 -3.46 10.71
CA ASN A 101 15.30 -4.45 10.18
C ASN A 101 16.75 -4.06 10.51
N SER A 102 17.58 -5.08 10.67
CA SER A 102 19.07 -4.91 10.79
C SER A 102 19.73 -5.50 9.56
N LYS A 103 18.94 -5.97 8.62
CA LYS A 103 19.45 -6.64 7.40
C LYS A 103 18.31 -6.78 6.38
N LYS A 104 18.65 -7.04 5.11
CA LYS A 104 17.64 -7.34 4.10
C LYS A 104 16.89 -8.61 4.55
N VAL A 105 15.59 -8.65 4.28
CA VAL A 105 14.79 -9.84 4.54
C VAL A 105 13.96 -10.10 3.27
N ASP A 106 14.06 -11.30 2.72
CA ASP A 106 13.30 -11.69 1.53
C ASP A 106 12.88 -13.14 1.74
N HIS A 107 11.66 -13.28 2.27
CA HIS A 107 11.19 -14.51 2.80
C HIS A 107 9.73 -14.63 2.32
N LYS A 108 9.26 -15.85 2.17
CA LYS A 108 7.97 -16.14 1.54
C LYS A 108 7.35 -17.21 2.45
N ALA A 109 6.05 -17.14 2.75
CA ALA A 109 5.44 -18.21 3.52
C ALA A 109 4.18 -18.64 2.70
N GLY A 110 4.01 -19.95 2.44
CA GLY A 110 2.81 -20.43 1.67
C GLY A 110 1.55 -20.28 2.50
N VAL A 111 0.45 -19.95 1.84
CA VAL A 111 -0.87 -19.75 2.51
C VAL A 111 -1.77 -20.83 1.91
N ARG A 112 -2.48 -21.55 2.76
CA ARG A 112 -3.40 -22.61 2.26
C ARG A 112 -4.75 -22.24 2.84
N ILE A 113 -5.78 -22.15 1.96
CA ILE A 113 -7.09 -21.61 2.31
C ILE A 113 -8.14 -22.67 2.08
N THR A 114 -8.90 -22.99 3.12
CA THR A 114 -9.98 -23.94 2.90
C THR A 114 -11.22 -23.15 3.23
N LYS A 115 -12.24 -23.19 2.33
CA LYS A 115 -13.43 -22.44 2.56
C LYS A 115 -14.68 -23.31 2.39
N GLU A 116 -15.64 -23.22 3.31
CA GLU A 116 -16.94 -23.91 3.19
C GLU A 116 -18.06 -22.90 3.27
N ASP A 117 -18.85 -22.80 2.19
CA ASP A 117 -19.88 -21.77 2.15
C ASP A 117 -21.15 -22.32 2.82
N ASN A 118 -22.19 -21.50 2.86
CA ASN A 118 -23.49 -21.80 3.48
CA ASN A 118 -23.37 -21.95 3.59
C ASN A 118 -24.19 -22.99 2.82
N LYS A 119 -23.82 -23.23 1.56
CA LYS A 119 -24.38 -24.36 0.78
C LYS A 119 -23.58 -25.65 1.07
N GLY A 120 -22.52 -25.55 1.88
CA GLY A 120 -21.64 -26.71 2.09
C GLY A 120 -20.62 -26.98 0.96
N THR A 121 -20.44 -26.05 0.07
CA THR A 121 -19.45 -26.24 -1.03
C THR A 121 -18.03 -26.01 -0.46
N ILE A 122 -17.09 -26.93 -0.67
CA ILE A 122 -15.73 -26.81 -0.03
C ILE A 122 -14.72 -26.48 -1.13
N SER A 123 -14.04 -25.33 -1.02
CA SER A 123 -13.03 -24.94 -2.03
C SER A 123 -11.66 -24.85 -1.35
N HIS A 124 -10.59 -24.88 -2.16
CA HIS A 124 -9.23 -24.83 -1.62
C HIS A 124 -8.51 -23.77 -2.45
N ASP A 125 -7.61 -23.01 -1.85
CA ASP A 125 -6.92 -21.97 -2.63
C ASP A 125 -5.55 -21.81 -1.95
N VAL A 126 -4.65 -21.13 -2.64
CA VAL A 126 -3.28 -20.99 -2.22
C VAL A 126 -2.82 -19.57 -2.57
N SER A 127 -1.94 -19.06 -1.73
CA SER A 127 -1.29 -17.81 -2.02
C SER A 127 0.11 -17.87 -1.39
N GLU A 128 0.84 -16.79 -1.51
CA GLU A 128 2.19 -16.75 -1.00
C GLU A 128 2.25 -15.42 -0.22
N PHE A 129 2.70 -15.42 1.02
CA PHE A 129 2.68 -14.19 1.81
C PHE A 129 4.14 -13.71 1.87
N LYS A 130 4.42 -12.55 1.31
CA LYS A 130 5.80 -12.08 1.18
C LYS A 130 6.17 -11.37 2.46
N ILE A 131 7.31 -11.73 3.03
CA ILE A 131 7.73 -11.18 4.32
C ILE A 131 9.04 -10.40 4.10
N THR A 132 9.00 -9.12 4.47
CA THR A 132 10.18 -8.22 4.23
C THR A 132 10.74 -7.64 5.53
N LYS A 133 10.15 -8.07 6.62
CA LYS A 133 10.45 -7.59 7.95
C LYS A 133 10.95 -8.65 8.90
N GLU A 134 12.02 -8.30 9.60
CA GLU A 134 12.66 -9.14 10.58
C GLU A 134 11.71 -9.45 11.74
N GLN A 135 11.02 -8.42 12.16
CA GLN A 135 10.09 -8.57 13.27
C GLN A 135 8.77 -7.96 12.77
N ILE A 136 7.67 -8.69 12.88
CA ILE A 136 6.40 -8.24 12.36
C ILE A 136 5.36 -8.41 13.47
N SER A 137 4.48 -7.44 13.54
CA SER A 137 3.42 -7.39 14.55
C SER A 137 2.31 -8.34 14.13
N LEU A 138 1.64 -8.86 15.12
CA LEU A 138 0.36 -9.58 14.80
C LEU A 138 -0.66 -8.70 14.16
N LYS A 139 -0.73 -7.42 14.52
CA LYS A 139 -1.58 -6.46 13.94
C LYS A 139 -1.44 -6.53 12.40
N GLU A 140 -0.18 -6.53 11.91
CA GLU A 140 0.05 -6.48 10.44
C GLU A 140 -0.34 -7.76 9.73
N LEU A 141 0.02 -8.89 10.31
CA LEU A 141 -0.28 -10.20 9.75
C LEU A 141 -1.82 -10.35 9.72
N ASP A 142 -2.43 -10.07 10.87
CA ASP A 142 -3.90 -10.21 10.95
C ASP A 142 -4.59 -9.28 9.91
N PHE A 143 -4.19 -8.01 9.78
CA PHE A 143 -4.86 -7.08 8.94
C PHE A 143 -4.65 -7.40 7.44
N LYS A 144 -3.38 -7.58 7.03
CA LYS A 144 -3.13 -7.87 5.65
C LYS A 144 -3.75 -9.17 5.17
N LEU A 145 -3.71 -10.22 6.03
CA LEU A 145 -4.24 -11.52 5.64
C LEU A 145 -5.78 -11.39 5.51
N ARG A 146 -6.45 -10.71 6.47
CA ARG A 146 -7.95 -10.60 6.29
C ARG A 146 -8.33 -9.79 5.06
N LYS A 147 -7.64 -8.66 4.80
CA LYS A 147 -7.89 -7.89 3.64
C LYS A 147 -7.78 -8.73 2.41
N GLN A 148 -6.68 -9.46 2.27
CA GLN A 148 -6.50 -10.37 1.14
C GLN A 148 -7.66 -11.37 1.00
N LEU A 149 -8.13 -11.87 2.13
CA LEU A 149 -9.18 -12.91 2.08
C LEU A 149 -10.50 -12.34 1.69
N ILE A 150 -10.76 -11.11 2.14
CA ILE A 150 -11.91 -10.33 1.67
C ILE A 150 -11.85 -10.15 0.16
N GLU A 151 -10.71 -9.67 -0.34
CA GLU A 151 -10.56 -9.31 -1.74
C GLU A 151 -10.56 -10.52 -2.66
N LYS A 152 -9.93 -11.63 -2.24
CA LYS A 152 -9.69 -12.75 -3.14
C LYS A 152 -10.61 -13.94 -2.86
N ASN A 153 -11.22 -14.00 -1.66
CA ASN A 153 -11.87 -15.28 -1.20
C ASN A 153 -13.24 -15.02 -0.63
N ASN A 154 -13.65 -13.79 -0.77
CA ASN A 154 -14.94 -13.30 -0.33
C ASN A 154 -15.22 -13.44 1.16
N LEU A 155 -14.15 -13.35 1.99
CA LEU A 155 -14.40 -13.33 3.40
C LEU A 155 -15.27 -12.16 3.74
N TYR A 156 -16.18 -12.43 4.65
CA TYR A 156 -17.19 -11.47 5.09
C TYR A 156 -18.20 -11.13 4.02
N GLY A 157 -18.31 -12.03 3.04
CA GLY A 157 -19.29 -11.90 1.97
C GLY A 157 -20.44 -12.80 2.33
N ASN A 158 -20.35 -14.05 1.84
CA ASN A 158 -21.22 -15.20 2.10
C ASN A 158 -20.96 -15.80 3.49
N VAL A 159 -19.68 -15.90 3.89
CA VAL A 159 -19.29 -16.55 5.15
C VAL A 159 -18.24 -15.69 5.88
N GLY A 160 -18.24 -15.76 7.21
CA GLY A 160 -17.38 -14.83 8.01
C GLY A 160 -16.88 -15.35 9.34
N SER A 161 -16.59 -16.65 9.41
CA SER A 161 -16.10 -17.30 10.59
C SER A 161 -14.94 -18.22 10.21
N GLY A 162 -14.20 -18.70 11.20
CA GLY A 162 -13.10 -19.66 11.03
C GLY A 162 -11.84 -19.01 11.61
N LYS A 163 -10.72 -19.32 11.03
CA LYS A 163 -9.43 -18.86 11.67
C LYS A 163 -8.28 -18.77 10.70
N ILE A 164 -7.35 -17.85 11.04
CA ILE A 164 -6.05 -17.89 10.41
C ILE A 164 -5.00 -18.42 11.46
N VAL A 165 -4.12 -19.32 11.04
CA VAL A 165 -3.10 -19.85 11.91
C VAL A 165 -1.73 -19.65 11.25
N ILE A 166 -0.88 -18.97 12.02
CA ILE A 166 0.49 -18.70 11.55
C ILE A 166 1.37 -19.74 12.18
N LYS A 167 1.99 -20.58 11.35
CA LYS A 167 2.77 -21.68 11.89
C LYS A 167 4.23 -21.31 11.84
N MET A 168 4.88 -21.36 13.00
CA MET A 168 6.28 -20.99 13.15
C MET A 168 7.27 -22.15 12.89
N LYS A 169 8.42 -21.84 12.29
CA LYS A 169 9.47 -22.83 11.98
C LYS A 169 9.96 -23.52 13.25
N ASN A 170 9.98 -22.74 14.32
CA ASN A 170 10.40 -23.21 15.63
C ASN A 170 9.38 -24.18 16.24
N GLY A 171 8.38 -24.58 15.44
CA GLY A 171 7.28 -25.41 15.97
C GLY A 171 6.07 -24.74 16.61
N GLY A 172 6.15 -23.47 17.00
CA GLY A 172 4.99 -22.79 17.62
C GLY A 172 3.94 -22.28 16.61
N LYS A 173 2.91 -21.60 17.09
CA LYS A 173 1.82 -21.09 16.25
C LYS A 173 1.06 -19.92 16.88
N TYR A 174 0.44 -19.05 16.08
CA TYR A 174 -0.49 -17.98 16.52
C TYR A 174 -1.79 -18.04 15.72
N THR A 175 -2.89 -17.76 16.40
CA THR A 175 -4.25 -17.96 15.82
C THR A 175 -5.11 -16.71 15.90
N PHE A 176 -5.82 -16.41 14.81
CA PHE A 176 -6.73 -15.28 14.75
C PHE A 176 -8.12 -15.80 14.36
N GLU A 177 -9.06 -15.77 15.30
CA GLU A 177 -10.49 -16.16 15.00
C GLU A 177 -11.13 -15.10 14.18
N LEU A 178 -11.68 -15.51 13.02
CA LEU A 178 -12.24 -14.57 12.07
C LEU A 178 -13.62 -13.99 12.44
N HIS A 179 -14.33 -14.55 13.43
CA HIS A 179 -15.65 -13.98 13.75
C HIS A 179 -15.57 -12.70 14.59
N LYS A 180 -14.37 -12.32 15.06
CA LYS A 180 -14.24 -11.13 15.91
C LYS A 180 -13.04 -10.31 15.44
N LYS A 181 -13.04 -9.01 15.67
CA LYS A 181 -11.79 -8.21 15.35
C LYS A 181 -10.62 -8.75 16.24
N LEU A 182 -9.35 -8.65 15.77
CA LEU A 182 -8.24 -9.12 16.59
C LEU A 182 -8.33 -8.29 17.88
N GLN A 183 -8.10 -8.96 19.00
CA GLN A 183 -8.13 -8.28 20.34
C GLN A 183 -7.05 -7.18 20.36
N GLU A 184 -7.39 -6.00 20.85
CA GLU A 184 -6.42 -4.89 20.85
C GLU A 184 -5.09 -5.16 21.55
N ASN A 185 -5.09 -5.81 22.73
CA ASN A 185 -3.76 -6.21 23.36
C ASN A 185 -2.84 -7.05 22.43
N ARG A 186 -3.40 -7.94 21.60
CA ARG A 186 -2.57 -8.77 20.73
C ARG A 186 -1.98 -7.98 19.49
N MET A 187 -2.52 -6.81 19.23
CA MET A 187 -2.07 -5.87 18.14
C MET A 187 -0.63 -5.43 18.46
N ALA A 188 -0.29 -5.45 19.73
CA ALA A 188 1.07 -5.07 20.10
C ALA A 188 2.00 -6.22 20.11
N ASP A 189 1.53 -7.45 19.96
CA ASP A 189 2.40 -8.62 20.01
C ASP A 189 3.27 -8.71 18.77
N VAL A 190 4.53 -9.12 18.94
CA VAL A 190 5.43 -9.15 17.83
C VAL A 190 6.06 -10.51 17.72
N ILE A 191 6.39 -10.91 16.49
CA ILE A 191 7.03 -12.19 16.21
C ILE A 191 8.16 -12.04 15.21
N ASP A 192 8.88 -13.12 15.03
CA ASP A 192 10.07 -13.15 14.21
C ASP A 192 9.61 -13.51 12.80
N GLY A 193 9.56 -12.53 11.94
CA GLY A 193 9.11 -12.74 10.54
C GLY A 193 9.86 -13.83 9.82
N THR A 194 11.19 -13.88 10.01
CA THR A 194 12.02 -14.89 9.39
C THR A 194 11.68 -16.34 9.76
N ASN A 195 10.99 -16.53 10.88
CA ASN A 195 10.63 -17.79 11.43
C ASN A 195 9.20 -18.27 11.06
N ILE A 196 8.43 -17.45 10.34
CA ILE A 196 7.12 -17.93 9.85
C ILE A 196 7.37 -19.03 8.82
N ASP A 197 6.73 -20.16 9.01
CA ASP A 197 6.87 -21.25 8.08
C ASP A 197 5.77 -21.25 6.99
N ASN A 198 4.52 -21.38 7.43
CA ASN A 198 3.33 -21.41 6.54
C ASN A 198 2.11 -20.92 7.33
N ILE A 199 1.05 -20.64 6.56
CA ILE A 199 -0.11 -19.99 7.12
C ILE A 199 -1.28 -20.88 6.65
N GLU A 200 -2.15 -21.23 7.58
CA GLU A 200 -3.35 -22.07 7.32
C GLU A 200 -4.63 -21.28 7.59
N VAL A 201 -5.57 -21.24 6.63
CA VAL A 201 -6.72 -20.35 6.81
C VAL A 201 -7.94 -21.30 6.63
N ASN A 202 -8.90 -21.23 7.54
CA ASN A 202 -10.08 -22.07 7.38
C ASN A 202 -11.30 -21.18 7.54
N ILE A 203 -12.21 -21.19 6.56
CA ILE A 203 -13.27 -20.15 6.60
C ILE A 203 -14.56 -20.92 6.50
N LYS A 204 -15.55 -20.51 7.29
CA LYS A 204 -16.87 -21.19 7.21
C LYS A 204 -18.02 -20.33 7.64
N LYS B 15 -5.29 -11.47 -25.15
CA LYS B 15 -5.00 -10.29 -26.04
C LYS B 15 -4.46 -9.06 -25.25
N PHE B 16 -4.95 -8.86 -24.03
CA PHE B 16 -4.51 -7.74 -23.18
C PHE B 16 -3.59 -8.19 -22.08
N LYS B 17 -3.03 -9.41 -22.15
CA LYS B 17 -2.32 -9.99 -20.98
C LYS B 17 -1.12 -9.16 -20.53
N ASP B 18 -0.36 -8.61 -21.46
CA ASP B 18 0.83 -7.78 -21.14
C ASP B 18 0.44 -6.54 -20.32
N LEU B 19 -0.62 -5.86 -20.73
CA LEU B 19 -1.09 -4.65 -20.04
C LEU B 19 -1.66 -4.99 -18.70
N ARG B 20 -2.44 -6.09 -18.63
CA ARG B 20 -2.93 -6.52 -17.36
C ARG B 20 -1.82 -6.92 -16.38
N ALA B 21 -0.75 -7.53 -16.89
CA ALA B 21 0.30 -8.05 -16.01
C ALA B 21 1.03 -6.80 -15.47
N TYR B 22 1.30 -5.88 -16.34
CA TYR B 22 2.12 -4.67 -15.90
C TYR B 22 1.36 -3.88 -14.82
N TYR B 23 0.08 -3.60 -15.11
CA TYR B 23 -0.71 -2.78 -14.19
C TYR B 23 -1.27 -3.42 -12.95
N THR B 24 -0.96 -4.71 -12.70
CA THR B 24 -1.27 -5.32 -11.44
C THR B 24 0.04 -5.64 -10.71
N LYS B 25 1.18 -5.18 -11.24
CA LYS B 25 2.40 -5.18 -10.41
C LYS B 25 2.22 -4.41 -9.08
N PRO B 26 2.92 -4.86 -8.00
CA PRO B 26 2.94 -4.13 -6.71
C PRO B 26 3.75 -2.83 -6.93
N SER B 27 3.34 -1.79 -6.23
CA SER B 27 4.09 -0.49 -6.30
C SER B 27 4.59 -0.18 -4.88
N LEU B 28 5.58 0.73 -4.78
CA LEU B 28 6.14 1.13 -3.48
C LEU B 28 6.18 2.66 -3.52
N GLU B 29 6.09 3.32 -2.37
CA GLU B 29 6.11 4.79 -2.30
C GLU B 29 7.09 5.17 -1.21
N PHE B 30 8.09 5.98 -1.56
CA PHE B 30 9.05 6.42 -0.55
C PHE B 30 8.97 7.93 -0.56
N LYS B 31 8.69 8.54 0.58
CA LYS B 31 8.52 9.96 0.60
C LYS B 31 9.59 10.53 1.60
N ASN B 32 9.88 11.81 1.35
CA ASN B 32 10.74 12.67 2.20
C ASN B 32 12.10 12.02 2.23
N GLU B 33 12.57 11.61 1.04
CA GLU B 33 13.78 10.85 0.94
C GLU B 33 14.90 11.74 0.35
N ILE B 34 16.08 11.13 0.18
CA ILE B 34 17.26 11.73 -0.49
C ILE B 34 17.60 10.89 -1.72
N GLY B 35 17.94 11.56 -2.81
CA GLY B 35 18.41 10.90 -4.03
C GLY B 35 19.85 11.25 -4.32
N ILE B 36 20.58 10.25 -4.73
CA ILE B 36 22.04 10.38 -5.03
C ILE B 36 22.25 9.98 -6.49
N ILE B 37 22.90 10.86 -7.29
CA ILE B 37 23.17 10.63 -8.72
C ILE B 37 24.69 10.56 -8.82
N LEU B 38 25.15 9.39 -9.20
CA LEU B 38 26.58 9.08 -9.33
C LEU B 38 27.01 9.34 -10.76
N LYS B 39 28.33 9.22 -11.03
CA LYS B 39 28.85 9.32 -12.39
C LYS B 39 28.15 8.35 -13.35
N LYS B 40 27.90 8.85 -14.56
CA LYS B 40 27.24 8.07 -15.62
C LYS B 40 28.07 6.85 -15.98
N TRP B 41 27.41 5.69 -16.05
CA TRP B 41 28.13 4.43 -16.29
C TRP B 41 27.49 3.65 -17.43
N THR B 42 26.33 4.10 -17.88
CA THR B 42 25.67 3.46 -19.06
C THR B 42 24.91 4.51 -19.87
N THR B 43 23.98 4.14 -20.79
CA THR B 43 23.42 5.07 -21.71
C THR B 43 22.37 6.03 -21.06
N ILE B 44 21.94 5.73 -19.84
CA ILE B 44 21.07 6.69 -19.12
C ILE B 44 21.62 6.82 -17.71
N ARG B 45 21.11 7.81 -17.01
CA ARG B 45 21.50 8.14 -15.65
C ARG B 45 20.41 7.70 -14.69
N PHE B 46 20.81 7.47 -13.45
CA PHE B 46 19.92 6.98 -12.41
C PHE B 46 19.96 7.85 -11.19
N MET B 47 18.83 8.00 -10.55
CA MET B 47 18.84 8.46 -9.12
C MET B 47 18.70 7.29 -8.20
N ASN B 48 19.62 7.20 -7.23
CA ASN B 48 19.64 6.16 -6.22
C ASN B 48 18.88 6.65 -5.03
N VAL B 49 18.01 5.79 -4.50
CA VAL B 49 17.28 6.13 -3.25
C VAL B 49 17.39 4.93 -2.34
N VAL B 50 17.61 5.19 -1.05
CA VAL B 50 17.94 4.12 -0.13
C VAL B 50 17.07 4.28 1.14
N PRO B 51 15.80 3.85 1.05
CA PRO B 51 14.78 3.85 2.11
C PRO B 51 14.88 2.68 3.13
N ASP B 52 15.56 1.58 2.77
CA ASP B 52 15.63 0.34 3.53
C ASP B 52 17.05 -0.30 3.35
N TYR B 53 17.16 -1.62 3.26
CA TYR B 53 18.48 -2.25 2.92
C TYR B 53 18.74 -2.45 1.45
N PHE B 54 17.87 -1.88 0.61
CA PHE B 54 18.10 -1.92 -0.83
C PHE B 54 18.48 -0.56 -1.41
N ILE B 55 19.26 -0.60 -2.49
CA ILE B 55 19.48 0.60 -3.26
C ILE B 55 18.61 0.62 -4.54
N TYR B 56 17.59 1.46 -4.52
CA TYR B 56 16.70 1.60 -5.73
C TYR B 56 17.29 2.50 -6.80
N LYS B 57 17.41 1.96 -8.02
CA LYS B 57 17.90 2.77 -9.13
C LYS B 57 16.71 3.30 -9.91
N ILE B 58 16.48 4.61 -9.83
CA ILE B 58 15.41 5.25 -10.59
C ILE B 58 15.95 5.86 -11.89
N ALA B 59 15.50 5.26 -12.98
CA ALA B 59 15.86 5.84 -14.27
C ALA B 59 15.41 7.28 -14.48
N LEU B 60 16.33 8.15 -14.90
CA LEU B 60 16.06 9.49 -15.26
C LEU B 60 15.74 9.63 -16.73
N VAL B 61 14.44 9.72 -17.00
CA VAL B 61 13.94 9.80 -18.36
C VAL B 61 13.21 11.13 -18.57
N GLY B 62 12.85 11.41 -19.83
CA GLY B 62 12.18 12.68 -20.16
C GLY B 62 12.83 13.91 -19.52
N LYS B 63 12.01 14.79 -18.96
CA LYS B 63 12.48 16.04 -18.34
C LYS B 63 13.39 15.76 -17.10
N ASP B 64 13.37 14.56 -16.55
CA ASP B 64 14.16 14.31 -15.35
C ASP B 64 15.68 14.41 -15.61
N ASP B 65 16.15 14.04 -16.79
CA ASP B 65 17.60 14.06 -17.09
C ASP B 65 18.28 15.42 -16.88
N LYS B 66 17.66 16.45 -17.39
CA LYS B 66 18.18 17.82 -17.21
C LYS B 66 17.85 18.36 -15.86
N LYS B 67 16.72 17.93 -15.32
CA LYS B 67 16.26 18.40 -14.04
C LYS B 67 17.21 18.06 -12.90
N TYR B 68 17.88 16.90 -12.89
CA TYR B 68 18.68 16.47 -11.68
C TYR B 68 20.10 16.19 -12.09
N GLY B 69 21.00 17.06 -11.67
CA GLY B 69 22.40 16.95 -11.99
C GLY B 69 23.07 15.99 -11.05
N GLU B 70 24.36 15.77 -11.25
CA GLU B 70 25.09 14.81 -10.44
C GLU B 70 25.09 15.31 -8.97
N GLY B 71 25.16 14.38 -8.03
CA GLY B 71 25.27 14.66 -6.64
C GLY B 71 23.94 14.44 -5.90
N VAL B 72 23.69 15.25 -4.91
CA VAL B 72 22.69 14.88 -3.90
C VAL B 72 21.42 15.70 -4.13
N HIS B 73 20.24 15.08 -3.90
CA HIS B 73 19.02 15.84 -4.10
C HIS B 73 18.13 15.52 -2.93
N ARG B 74 17.73 16.54 -2.18
CA ARG B 74 16.92 16.31 -0.95
C ARG B 74 15.44 16.59 -1.24
N ASN B 75 14.56 16.22 -0.29
CA ASN B 75 13.14 16.47 -0.43
C ASN B 75 12.63 15.82 -1.74
N VAL B 76 13.02 14.57 -1.90
CA VAL B 76 12.44 13.80 -3.05
C VAL B 76 11.47 12.71 -2.55
N ASP B 77 10.40 12.52 -3.32
CA ASP B 77 9.48 11.41 -3.11
C ASP B 77 9.54 10.60 -4.43
N VAL B 78 9.45 9.30 -4.33
CA VAL B 78 9.38 8.46 -5.56
C VAL B 78 8.26 7.42 -5.43
N PHE B 79 7.62 7.24 -6.59
CA PHE B 79 6.55 6.25 -6.75
C PHE B 79 7.24 5.23 -7.62
N VAL B 80 7.32 4.02 -7.06
CA VAL B 80 8.19 2.93 -7.59
C VAL B 80 7.36 1.75 -8.09
N VAL B 81 7.67 1.35 -9.32
CA VAL B 81 7.14 0.05 -9.85
C VAL B 81 8.35 -0.72 -10.32
N LEU B 82 8.76 -1.72 -9.54
CA LEU B 82 9.96 -2.53 -9.89
C LEU B 82 9.76 -3.23 -11.22
N GLU B 83 10.73 -3.12 -12.11
CA GLU B 83 10.62 -3.87 -13.36
C GLU B 83 11.92 -4.40 -13.95
N GLU B 84 11.79 -5.31 -14.93
CA GLU B 84 12.94 -5.89 -15.63
C GLU B 84 13.59 -4.85 -16.46
N ASN B 85 14.88 -5.04 -16.76
CA ASN B 85 15.58 -3.98 -17.48
C ASN B 85 16.83 -4.50 -18.17
N ASN B 86 17.45 -3.70 -19.05
CA ASN B 86 18.65 -4.07 -19.87
C ASN B 86 19.95 -3.60 -19.24
N TYR B 87 19.88 -3.16 -17.98
CA TYR B 87 21.07 -2.60 -17.30
C TYR B 87 21.68 -3.49 -16.24
N ASN B 88 21.18 -4.70 -16.16
CA ASN B 88 21.63 -5.61 -15.13
C ASN B 88 21.37 -5.10 -13.71
N LEU B 89 20.22 -4.43 -13.46
CA LEU B 89 19.92 -3.87 -12.11
C LEU B 89 18.87 -4.63 -11.44
N GLU B 90 19.05 -4.90 -10.16
CA GLU B 90 18.12 -5.69 -9.38
C GLU B 90 16.88 -4.92 -8.96
N LYS B 91 17.07 -3.64 -8.62
CA LYS B 91 15.89 -2.84 -8.18
C LYS B 91 15.88 -1.60 -9.05
N TYR B 92 14.99 -1.65 -10.03
CA TYR B 92 14.91 -0.67 -11.06
C TYR B 92 13.45 -0.21 -11.27
N SER B 93 13.29 1.10 -11.40
CA SER B 93 12.02 1.77 -11.70
C SER B 93 12.20 3.03 -12.58
N VAL B 94 11.18 3.42 -13.32
CA VAL B 94 11.33 4.51 -14.28
C VAL B 94 10.50 5.71 -13.85
N GLY B 95 11.13 6.89 -13.66
CA GLY B 95 10.32 8.08 -13.49
C GLY B 95 9.73 8.14 -12.05
N GLY B 96 8.59 8.87 -11.88
CA GLY B 96 7.89 8.81 -10.59
C GLY B 96 8.55 9.67 -9.54
N ILE B 97 9.39 10.60 -9.96
CA ILE B 97 10.13 11.40 -8.91
C ILE B 97 9.44 12.79 -8.78
N THR B 98 9.11 13.15 -7.53
CA THR B 98 8.50 14.43 -7.26
C THR B 98 9.21 15.11 -6.04
N LYS B 99 8.83 16.37 -5.86
CA LYS B 99 9.18 17.19 -4.72
C LYS B 99 8.24 16.83 -3.57
N SER B 100 8.84 16.57 -2.42
CA SER B 100 8.21 16.25 -1.12
C SER B 100 7.25 17.35 -0.72
N ASN B 101 6.29 17.02 0.14
CA ASN B 101 5.27 17.99 0.50
C ASN B 101 5.91 19.11 1.34
N SER B 102 5.43 20.31 1.12
CA SER B 102 5.84 21.49 1.97
C SER B 102 4.80 21.73 3.08
N LYS B 103 3.72 20.94 3.06
CA LYS B 103 2.57 21.19 3.94
C LYS B 103 1.62 20.00 3.87
N LYS B 104 0.67 19.93 4.81
CA LYS B 104 -0.38 18.87 4.74
C LYS B 104 -1.22 19.05 3.48
N VAL B 105 -1.63 17.92 2.86
CA VAL B 105 -2.46 17.96 1.65
C VAL B 105 -3.54 16.91 1.88
N ASP B 106 -4.79 17.32 1.76
CA ASP B 106 -5.93 16.40 1.97
C ASP B 106 -6.96 16.84 0.94
N HIS B 107 -6.85 16.25 -0.24
CA HIS B 107 -7.61 16.65 -1.42
C HIS B 107 -8.26 15.39 -1.98
N LYS B 108 -9.33 15.56 -2.75
CA LYS B 108 -10.02 14.44 -3.40
C LYS B 108 -10.40 14.91 -4.80
N ALA B 109 -10.44 13.98 -5.74
CA ALA B 109 -10.94 14.29 -7.06
C ALA B 109 -11.92 13.18 -7.41
N GLY B 110 -13.10 13.61 -7.85
CA GLY B 110 -14.14 12.66 -8.27
C GLY B 110 -13.68 11.90 -9.52
N VAL B 111 -14.09 10.65 -9.59
CA VAL B 111 -13.79 9.86 -10.76
C VAL B 111 -15.10 9.40 -11.38
N ARG B 112 -15.23 9.51 -12.69
CA ARG B 112 -16.45 9.02 -13.41
C ARG B 112 -15.96 8.02 -14.43
N ILE B 113 -16.52 6.82 -14.37
CA ILE B 113 -16.15 5.70 -15.26
C ILE B 113 -17.37 5.30 -16.09
N THR B 114 -17.18 5.32 -17.38
CA THR B 114 -18.18 4.68 -18.29
C THR B 114 -17.48 3.50 -18.96
N LYS B 115 -18.13 2.33 -18.99
CA LYS B 115 -17.57 1.19 -19.70
C LYS B 115 -18.59 0.65 -20.74
N GLU B 116 -18.12 0.37 -21.94
CA GLU B 116 -18.94 -0.37 -22.89
C GLU B 116 -18.17 -1.64 -23.28
N ASP B 117 -18.69 -2.78 -22.83
CA ASP B 117 -18.04 -4.09 -23.11
C ASP B 117 -18.19 -4.62 -24.53
N ASN B 118 -17.68 -5.83 -24.76
CA ASN B 118 -17.72 -6.48 -26.10
C ASN B 118 -19.11 -7.05 -26.49
N LYS B 119 -20.07 -7.02 -25.56
CA LYS B 119 -21.47 -7.38 -25.82
C LYS B 119 -22.34 -6.11 -25.95
N GLY B 120 -21.77 -4.93 -25.73
CA GLY B 120 -22.51 -3.66 -25.89
C GLY B 120 -23.23 -3.18 -24.62
N THR B 121 -23.01 -3.91 -23.53
CA THR B 121 -23.52 -3.54 -22.23
C THR B 121 -22.74 -2.31 -21.80
N ILE B 122 -23.47 -1.30 -21.32
CA ILE B 122 -22.88 -0.04 -20.88
C ILE B 122 -23.09 0.08 -19.37
N SER B 123 -22.05 0.48 -18.63
CA SER B 123 -22.14 0.53 -17.18
C SER B 123 -21.43 1.83 -16.77
N HIS B 124 -21.69 2.28 -15.56
CA HIS B 124 -21.28 3.61 -15.10
C HIS B 124 -20.80 3.40 -13.67
N ASP B 125 -19.70 4.02 -13.27
CA ASP B 125 -19.25 3.76 -11.92
C ASP B 125 -18.59 5.05 -11.46
N VAL B 126 -18.41 5.16 -10.16
CA VAL B 126 -17.81 6.39 -9.57
C VAL B 126 -16.86 5.97 -8.46
N SER B 127 -15.91 6.82 -8.15
CA SER B 127 -15.02 6.60 -7.04
C SER B 127 -14.46 7.97 -6.66
N GLU B 128 -13.78 8.01 -5.51
CA GLU B 128 -13.10 9.21 -5.04
C GLU B 128 -11.58 8.91 -4.97
N PHE B 129 -10.77 9.69 -5.68
CA PHE B 129 -9.34 9.46 -5.74
C PHE B 129 -8.69 10.38 -4.71
N LYS B 130 -8.03 9.80 -3.71
CA LYS B 130 -7.55 10.62 -2.58
C LYS B 130 -6.13 11.09 -2.92
N ILE B 131 -5.86 12.37 -2.67
CA ILE B 131 -4.62 13.03 -3.11
C ILE B 131 -4.03 13.54 -1.81
N THR B 132 -2.79 13.15 -1.50
CA THR B 132 -2.17 13.53 -0.24
C THR B 132 -0.79 14.10 -0.54
N LYS B 133 -0.48 14.21 -1.83
CA LYS B 133 0.75 14.80 -2.33
C LYS B 133 0.53 16.11 -3.07
N GLU B 134 1.35 17.09 -2.66
CA GLU B 134 1.38 18.38 -3.31
C GLU B 134 1.77 18.28 -4.81
N GLN B 135 2.75 17.44 -5.11
CA GLN B 135 3.20 17.27 -6.48
C GLN B 135 3.14 15.77 -6.74
N ILE B 136 2.49 15.37 -7.84
CA ILE B 136 2.34 13.95 -8.12
C ILE B 136 2.73 13.67 -9.56
N SER B 137 3.38 12.56 -9.79
CA SER B 137 3.79 12.14 -11.13
C SER B 137 2.63 11.57 -11.93
N LEU B 138 2.75 11.76 -13.23
CA LEU B 138 1.79 11.09 -14.13
C LEU B 138 1.93 9.61 -13.98
N LYS B 139 3.13 9.14 -13.69
CA LYS B 139 3.38 7.70 -13.46
C LYS B 139 2.44 7.12 -12.43
N GLU B 140 2.38 7.82 -11.29
CA GLU B 140 1.54 7.37 -10.17
C GLU B 140 0.03 7.44 -10.52
N LEU B 141 -0.41 8.51 -11.13
CA LEU B 141 -1.89 8.73 -11.49
C LEU B 141 -2.29 7.59 -12.45
N ASP B 142 -1.46 7.42 -13.47
CA ASP B 142 -1.72 6.39 -14.50
C ASP B 142 -1.71 5.02 -13.90
N PHE B 143 -0.70 4.73 -13.07
CA PHE B 143 -0.56 3.42 -12.58
C PHE B 143 -1.71 3.03 -11.56
N LYS B 144 -2.01 3.92 -10.64
CA LYS B 144 -3.03 3.64 -9.60
C LYS B 144 -4.42 3.58 -10.21
N LEU B 145 -4.65 4.42 -11.21
CA LEU B 145 -6.03 4.44 -11.78
C LEU B 145 -6.23 3.19 -12.63
N ARG B 146 -5.22 2.79 -13.39
CA ARG B 146 -5.38 1.52 -14.21
C ARG B 146 -5.53 0.30 -13.34
N LYS B 147 -4.79 0.20 -12.25
CA LYS B 147 -4.91 -0.92 -11.34
C LYS B 147 -6.31 -0.96 -10.71
N GLN B 148 -6.81 0.19 -10.28
CA GLN B 148 -8.22 0.30 -9.82
C GLN B 148 -9.22 -0.21 -10.88
N LEU B 149 -9.05 0.24 -12.13
CA LEU B 149 -9.94 -0.15 -13.26
C LEU B 149 -9.87 -1.61 -13.62
N ILE B 150 -8.68 -2.24 -13.46
CA ILE B 150 -8.52 -3.70 -13.59
C ILE B 150 -9.29 -4.37 -12.46
N GLU B 151 -9.02 -3.96 -11.23
CA GLU B 151 -9.57 -4.63 -10.07
C GLU B 151 -11.09 -4.46 -9.97
N LYS B 152 -11.59 -3.30 -10.31
CA LYS B 152 -13.03 -3.00 -10.05
C LYS B 152 -13.90 -2.95 -11.29
N ASN B 153 -13.30 -2.85 -12.45
CA ASN B 153 -14.05 -2.60 -13.69
C ASN B 153 -13.67 -3.56 -14.78
N ASN B 154 -12.79 -4.50 -14.42
CA ASN B 154 -12.31 -5.54 -15.32
C ASN B 154 -11.61 -5.00 -16.56
N LEU B 155 -10.92 -3.86 -16.43
CA LEU B 155 -10.13 -3.43 -17.55
C LEU B 155 -9.14 -4.51 -17.91
N TYR B 156 -8.83 -4.61 -19.21
CA TYR B 156 -7.98 -5.63 -19.82
C TYR B 156 -8.49 -7.05 -19.58
N GLY B 157 -9.79 -7.22 -19.35
CA GLY B 157 -10.29 -8.61 -19.33
C GLY B 157 -10.99 -8.76 -20.65
N ASN B 158 -12.13 -8.12 -20.68
CA ASN B 158 -13.08 -8.14 -21.76
C ASN B 158 -12.76 -7.04 -22.80
N VAL B 159 -12.36 -5.87 -22.32
CA VAL B 159 -12.09 -4.71 -23.17
C VAL B 159 -10.81 -4.04 -22.65
N GLY B 160 -10.01 -3.47 -23.53
CA GLY B 160 -8.72 -2.86 -23.12
C GLY B 160 -8.35 -1.62 -23.89
N SER B 161 -9.33 -0.76 -24.11
CA SER B 161 -9.12 0.44 -24.88
C SER B 161 -9.89 1.57 -24.22
N GLY B 162 -9.65 2.80 -24.66
CA GLY B 162 -10.27 4.00 -24.06
C GLY B 162 -9.23 4.93 -23.44
N LYS B 163 -9.69 5.68 -22.44
CA LYS B 163 -8.83 6.73 -21.90
C LYS B 163 -9.23 7.20 -20.51
N ILE B 164 -8.18 7.64 -19.78
CA ILE B 164 -8.28 8.31 -18.50
C ILE B 164 -7.95 9.72 -18.85
N VAL B 165 -8.78 10.64 -18.40
CA VAL B 165 -8.49 12.02 -18.61
C VAL B 165 -8.46 12.69 -17.25
N ILE B 166 -7.34 13.31 -16.94
CA ILE B 166 -7.20 14.06 -15.70
C ILE B 166 -7.58 15.52 -15.99
N LYS B 167 -8.63 16.05 -15.34
CA LYS B 167 -9.10 17.40 -15.64
C LYS B 167 -8.60 18.31 -14.52
N MET B 168 -7.86 19.33 -14.91
CA MET B 168 -7.24 20.27 -13.96
C MET B 168 -8.17 21.45 -13.66
N LYS B 169 -8.09 22.01 -12.45
CA LYS B 169 -8.83 23.23 -12.12
C LYS B 169 -8.50 24.31 -13.15
N ASN B 170 -7.23 24.42 -13.57
CA ASN B 170 -6.86 25.48 -14.54
C ASN B 170 -7.34 25.29 -15.99
N GLY B 171 -8.34 24.42 -16.18
CA GLY B 171 -8.84 24.06 -17.52
C GLY B 171 -8.01 23.02 -18.28
N GLY B 172 -6.72 22.85 -17.93
CA GLY B 172 -5.86 21.83 -18.59
C GLY B 172 -6.30 20.35 -18.46
N LYS B 173 -5.76 19.50 -19.32
CA LYS B 173 -6.02 18.05 -19.17
C LYS B 173 -4.80 17.18 -19.50
N TYR B 174 -4.76 15.99 -18.92
CA TYR B 174 -3.74 14.98 -19.17
C TYR B 174 -4.49 13.71 -19.51
N THR B 175 -4.14 13.14 -20.64
CA THR B 175 -4.84 11.95 -21.09
C THR B 175 -3.88 10.75 -21.16
N PHE B 176 -4.33 9.60 -20.66
CA PHE B 176 -3.59 8.32 -20.79
C PHE B 176 -4.46 7.37 -21.65
N GLU B 177 -3.90 6.92 -22.76
CA GLU B 177 -4.59 6.02 -23.68
C GLU B 177 -4.43 4.61 -23.21
N LEU B 178 -5.55 3.91 -23.05
CA LEU B 178 -5.53 2.67 -22.35
C LEU B 178 -5.04 1.52 -23.21
N HIS B 179 -4.85 1.69 -24.51
CA HIS B 179 -4.55 0.50 -25.31
C HIS B 179 -3.06 0.20 -25.31
N LYS B 180 -2.28 1.07 -24.63
CA LYS B 180 -0.84 0.88 -24.59
C LYS B 180 -0.33 1.46 -23.26
N LYS B 181 0.88 1.07 -22.92
CA LYS B 181 1.50 1.52 -21.68
C LYS B 181 1.73 3.03 -21.74
N LEU B 182 1.74 3.71 -20.58
CA LEU B 182 2.13 5.10 -20.57
C LEU B 182 3.58 5.17 -21.11
N GLN B 183 3.83 6.14 -21.96
CA GLN B 183 5.15 6.38 -22.60
C GLN B 183 6.15 6.68 -21.44
N GLU B 184 7.34 6.07 -21.45
CA GLU B 184 8.29 6.21 -20.32
C GLU B 184 8.64 7.66 -20.04
N ASN B 185 8.87 8.49 -21.08
CA ASN B 185 9.11 9.95 -20.87
C ASN B 185 8.05 10.67 -20.05
N ARG B 186 6.78 10.30 -20.26
CA ARG B 186 5.72 10.89 -19.49
C ARG B 186 5.69 10.38 -18.03
N MET B 187 6.31 9.24 -17.72
CA MET B 187 6.33 8.76 -16.33
C MET B 187 7.15 9.76 -15.45
N ALA B 188 8.01 10.55 -16.08
CA ALA B 188 8.78 11.63 -15.32
C ALA B 188 8.04 12.96 -15.16
N ASP B 189 6.96 13.20 -15.94
CA ASP B 189 6.16 14.44 -15.86
C ASP B 189 5.40 14.54 -14.54
N VAL B 190 5.28 15.77 -14.01
CA VAL B 190 4.68 15.93 -12.70
C VAL B 190 3.68 17.09 -12.76
N ILE B 191 2.62 17.00 -11.97
CA ILE B 191 1.61 18.05 -11.88
C ILE B 191 1.34 18.41 -10.45
N ASP B 192 0.62 19.52 -10.25
CA ASP B 192 0.16 19.94 -8.95
C ASP B 192 -1.09 19.12 -8.56
N GLY B 193 -0.94 18.24 -7.59
CA GLY B 193 -1.99 17.35 -7.11
C GLY B 193 -3.18 18.15 -6.58
N THR B 194 -2.93 19.32 -5.98
CA THR B 194 -4.09 20.12 -5.50
C THR B 194 -4.86 20.83 -6.62
N ASN B 195 -4.31 20.91 -7.83
CA ASN B 195 -4.98 21.47 -8.97
C ASN B 195 -5.81 20.42 -9.74
N ILE B 196 -5.83 19.18 -9.29
CA ILE B 196 -6.58 18.15 -10.03
C ILE B 196 -8.03 18.37 -9.63
N ASP B 197 -8.90 18.49 -10.60
CA ASP B 197 -10.34 18.77 -10.31
C ASP B 197 -11.20 17.50 -10.34
N ASN B 198 -11.12 16.78 -11.45
CA ASN B 198 -11.82 15.50 -11.53
C ASN B 198 -11.21 14.64 -12.64
N ILE B 199 -11.63 13.38 -12.64
CA ILE B 199 -11.04 12.38 -13.54
C ILE B 199 -12.17 11.73 -14.31
N GLU B 200 -12.00 11.58 -15.61
CA GLU B 200 -13.05 10.88 -16.40
C GLU B 200 -12.42 9.71 -17.11
N VAL B 201 -13.03 8.53 -16.97
CA VAL B 201 -12.51 7.31 -17.57
C VAL B 201 -13.57 6.78 -18.57
N ASN B 202 -13.14 6.46 -19.78
CA ASN B 202 -13.97 5.78 -20.80
C ASN B 202 -13.29 4.49 -21.26
N ILE B 203 -13.95 3.35 -21.03
CA ILE B 203 -13.42 2.06 -21.42
C ILE B 203 -14.34 1.51 -22.49
N LYS B 204 -13.75 1.23 -23.66
CA LYS B 204 -14.46 0.68 -24.79
C LYS B 204 -13.63 -0.46 -25.39
CL CL C . 0.99 12.15 23.62
C1 GOL D . 8.76 6.57 5.30
O1 GOL D . 8.65 6.10 6.65
C2 GOL D . 9.78 5.72 4.52
O2 GOL D . 10.91 5.47 5.38
C3 GOL D . 10.17 6.42 3.19
O3 GOL D . 11.59 6.37 2.93
CL CL E . 2.56 15.56 4.50
CL CL F . 14.86 -3.69 4.43
CL CL G . 24.01 4.47 -10.27
#